data_8PWX
#
_entry.id   8PWX
#
_cell.length_a   114.990
_cell.length_b   114.990
_cell.length_c   147.494
_cell.angle_alpha   90.000
_cell.angle_beta   90.000
_cell.angle_gamma   120.000
#
_symmetry.space_group_name_H-M   'P 31 2 1'
#
loop_
_entity.id
_entity.type
_entity.pdbx_description
1 polymer 'scFv fragment for antibody R5.008'
2 polymer 'Reticulocyte-binding protein homolog 5'
3 non-polymer GLYCEROL
4 water water
#
loop_
_entity_poly.entity_id
_entity_poly.type
_entity_poly.pdbx_seq_one_letter_code
_entity_poly.pdbx_strand_id
1 'polypeptide(L)'
;MGILPSPGMPALLSLVSLLSVLLMGCVAETGEVQLVESGGGVVQPGRSLRLSCAASGFAFSSYGMHWVRQAPGKGLEWVA
LIWSDGSNKDYADSVKGRFTISRDNSKSTLSLQMNSLRAEDTAVYYCARGKEEYYGSGGSDYWGQGTLITVSSGGGGSGG
GGSGGGGSDIVMTQSPSSLSASVGDRVTITCRASQSISSYLHWYQQKPGKAPKLLIYAASSLQSGVPSRFSGSGSGTDFT
LTISSLQPADFATYYCQQSYSTPPTFGGGTKVEIRGTKHHHHHH
;
A
2 'polypeptide(L)'
;KNVNFLQYHFKELSNYNIANSIDILQEKEGHLDFVIIPHYTFLDYYKHLSYNSIYHKSSTYGKYIAVDAFIKKINEAYDK
VKSKCNDIKNDLIATIKKLEHPYDINNKNRAFKKMMDEYNTKKKKLIKCIKNHENDFNKICMDMKNYGTNLFEQLSCYNN
NFCNTNGIRYHYDEYIHKLILSVKSKNLNKDLSDMTNILQQSELLLTNLNKKMGSYIYIDTIKFIHKEMKHIFNRIEYHT
KIINDKTKIIQDKIKLNIWRTFQKDELLKRILDMSNEYSLFITSDHLRQMLYNTFYSKEKHLNNIFHHLIYVLQMKFNDV
PIKMEYFQTYKKNKPLTQ
;
B
#
# COMPACT_ATOMS: atom_id res chain seq x y z
N GLU A 32 -22.26 12.94 0.71
CA GLU A 32 -22.80 11.74 1.34
C GLU A 32 -22.46 10.45 0.61
N VAL A 33 -22.38 9.37 1.38
CA VAL A 33 -21.98 8.06 0.84
C VAL A 33 -23.12 7.42 0.07
N GLN A 34 -22.77 6.54 -0.87
CA GLN A 34 -23.80 5.80 -1.58
C GLN A 34 -23.17 4.65 -2.37
N LEU A 35 -23.70 3.43 -2.26
CA LEU A 35 -23.20 2.28 -3.04
C LEU A 35 -24.36 1.67 -3.85
N VAL A 36 -24.68 2.27 -4.99
CA VAL A 36 -25.75 1.75 -5.86
C VAL A 36 -25.28 0.54 -6.70
N GLU A 37 -25.92 -0.60 -6.52
CA GLU A 37 -25.58 -1.84 -7.22
C GLU A 37 -26.45 -2.02 -8.47
N SER A 38 -26.06 -2.98 -9.31
CA SER A 38 -26.80 -3.23 -10.55
C SER A 38 -26.25 -4.47 -11.23
N GLY A 39 -27.09 -5.05 -12.08
CA GLY A 39 -26.70 -6.19 -12.86
C GLY A 39 -27.48 -7.44 -12.53
N GLY A 40 -28.62 -7.31 -11.88
CA GLY A 40 -29.28 -8.51 -11.48
C GLY A 40 -30.55 -8.81 -12.23
N GLY A 41 -30.93 -10.08 -12.23
CA GLY A 41 -32.13 -10.52 -12.91
C GLY A 41 -32.19 -12.03 -12.93
N VAL A 42 -33.13 -12.54 -13.74
CA VAL A 42 -33.31 -13.98 -13.92
C VAL A 42 -32.23 -14.57 -14.78
N VAL A 43 -31.79 -15.78 -14.44
CA VAL A 43 -30.69 -16.44 -15.14
C VAL A 43 -30.92 -17.92 -15.28
N GLN A 44 -30.85 -18.41 -16.50
CA GLN A 44 -30.91 -19.85 -16.73
C GLN A 44 -29.75 -20.51 -15.99
N PRO A 45 -29.99 -21.58 -15.23
CA PRO A 45 -28.90 -22.30 -14.58
C PRO A 45 -27.70 -22.63 -15.47
N GLY A 46 -26.51 -22.47 -14.90
CA GLY A 46 -25.20 -22.72 -15.50
C GLY A 46 -24.55 -21.61 -16.31
N ARG A 47 -25.18 -20.45 -16.45
CA ARG A 47 -24.64 -19.37 -17.26
C ARG A 47 -23.89 -18.34 -16.41
N SER A 48 -23.76 -17.11 -16.91
CA SER A 48 -22.98 -16.08 -16.25
C SER A 48 -23.80 -14.80 -16.07
N LEU A 49 -23.32 -13.94 -15.17
CA LEU A 49 -23.94 -12.65 -14.87
C LEU A 49 -22.96 -11.77 -14.12
N ARG A 50 -22.92 -10.50 -14.49
CA ARG A 50 -22.02 -9.53 -13.89
C ARG A 50 -22.77 -8.50 -13.05
N LEU A 51 -22.24 -8.26 -11.86
CA LEU A 51 -22.84 -7.36 -10.90
C LEU A 51 -21.91 -6.19 -10.71
N SER A 52 -22.45 -5.00 -10.51
CA SER A 52 -21.58 -3.83 -10.39
C SER A 52 -22.04 -2.91 -9.27
N CYS A 53 -21.13 -2.05 -8.82
CA CYS A 53 -21.42 -1.12 -7.74
C CYS A 53 -20.86 0.26 -8.02
N ALA A 54 -21.71 1.27 -7.85
CA ALA A 54 -21.40 2.68 -8.12
C ALA A 54 -21.12 3.45 -6.84
N ALA A 55 -19.83 3.69 -6.55
CA ALA A 55 -19.42 4.34 -5.32
C ALA A 55 -19.38 5.86 -5.44
N SER A 56 -20.01 6.57 -4.50
CA SER A 56 -20.00 8.02 -4.45
C SER A 56 -19.86 8.47 -3.01
N GLY A 57 -19.38 9.70 -2.81
CA GLY A 57 -19.29 10.33 -1.49
C GLY A 57 -18.11 10.02 -0.59
N PHE A 58 -17.09 9.27 -1.04
CA PHE A 58 -15.94 8.98 -0.17
C PHE A 58 -14.72 8.58 -0.99
N ALA A 59 -13.57 8.52 -0.30
CA ALA A 59 -12.29 8.14 -0.91
C ALA A 59 -12.20 6.65 -1.22
N PHE A 60 -12.94 6.22 -2.25
CA PHE A 60 -13.04 4.82 -2.64
C PHE A 60 -11.69 4.10 -2.68
N SER A 61 -10.69 4.77 -3.23
CA SER A 61 -9.37 4.18 -3.40
C SER A 61 -8.75 3.67 -2.11
N SER A 62 -9.20 4.17 -0.96
CA SER A 62 -8.63 3.83 0.35
C SER A 62 -9.38 2.70 1.06
N TYR A 63 -10.45 2.15 0.48
CA TYR A 63 -11.31 1.21 1.19
C TYR A 63 -11.34 -0.15 0.52
N GLY A 64 -11.35 -1.20 1.34
CA GLY A 64 -11.59 -2.53 0.84
C GLY A 64 -13.09 -2.76 0.71
N MET A 65 -13.49 -3.55 -0.28
CA MET A 65 -14.90 -3.78 -0.54
C MET A 65 -15.29 -5.25 -0.38
N HIS A 66 -16.57 -5.48 -0.06
CA HIS A 66 -17.12 -6.82 0.14
C HIS A 66 -18.46 -7.00 -0.55
N TRP A 67 -18.72 -8.23 -0.97
CA TRP A 67 -20.01 -8.62 -1.54
C TRP A 67 -20.59 -9.65 -0.62
N VAL A 68 -21.80 -9.38 -0.10
CA VAL A 68 -22.47 -10.27 0.83
C VAL A 68 -23.89 -10.51 0.31
N ARG A 69 -24.28 -11.78 0.20
CA ARG A 69 -25.59 -12.16 -0.32
C ARG A 69 -26.50 -12.65 0.78
N GLN A 70 -27.81 -12.68 0.48
CA GLN A 70 -28.85 -13.19 1.39
C GLN A 70 -29.82 -14.04 0.56
N ALA A 71 -29.71 -15.37 0.68
CA ALA A 71 -30.57 -16.28 -0.05
C ALA A 71 -32.00 -16.10 0.47
N PRO A 72 -33.02 -16.60 -0.23
CA PRO A 72 -34.40 -16.33 0.19
C PRO A 72 -34.72 -16.83 1.60
N GLY A 73 -35.07 -15.89 2.49
CA GLY A 73 -35.43 -16.21 3.85
C GLY A 73 -34.28 -16.53 4.79
N LYS A 74 -33.18 -17.02 4.23
CA LYS A 74 -31.99 -17.40 4.99
C LYS A 74 -31.29 -16.12 5.51
N GLY A 75 -30.16 -16.31 6.21
CA GLY A 75 -29.39 -15.19 6.73
C GLY A 75 -28.44 -14.54 5.72
N LEU A 76 -27.37 -13.93 6.25
CA LEU A 76 -26.36 -13.19 5.52
C LEU A 76 -25.14 -14.06 5.30
N GLU A 77 -24.82 -14.34 4.04
CA GLU A 77 -23.64 -15.12 3.69
C GLU A 77 -22.62 -14.23 2.94
N TRP A 78 -21.42 -14.09 3.50
CA TRP A 78 -20.40 -13.29 2.82
C TRP A 78 -19.89 -14.01 1.58
N VAL A 79 -19.80 -13.28 0.46
CA VAL A 79 -19.33 -13.86 -0.79
C VAL A 79 -17.84 -13.58 -0.98
N ALA A 80 -17.47 -12.31 -1.17
CA ALA A 80 -16.06 -12.00 -1.46
C ALA A 80 -15.70 -10.59 -1.02
N LEU A 81 -14.39 -10.39 -0.88
CA LEU A 81 -13.77 -9.12 -0.53
C LEU A 81 -12.55 -8.83 -1.40
N ILE A 82 -12.21 -7.53 -1.52
CA ILE A 82 -11.01 -7.09 -2.23
C ILE A 82 -10.36 -5.92 -1.49
N TRP A 83 -9.03 -5.84 -1.56
CA TRP A 83 -8.34 -4.78 -0.82
C TRP A 83 -8.52 -3.43 -1.52
N SER A 84 -8.16 -2.35 -0.83
CA SER A 84 -8.36 -1.01 -1.40
C SER A 84 -7.61 -0.86 -2.72
N ASP A 85 -6.40 -1.40 -2.80
CA ASP A 85 -5.57 -1.38 -4.00
C ASP A 85 -5.89 -2.54 -4.93
N GLY A 86 -6.91 -3.33 -4.64
CA GLY A 86 -7.21 -4.46 -5.49
C GLY A 86 -6.15 -5.55 -5.57
N SER A 87 -5.15 -5.50 -4.69
CA SER A 87 -4.10 -6.52 -4.76
C SER A 87 -4.60 -7.85 -4.21
N ASN A 88 -5.09 -7.86 -2.98
CA ASN A 88 -5.60 -9.09 -2.41
C ASN A 88 -7.12 -9.19 -2.52
N LYS A 89 -7.59 -10.38 -2.83
CA LYS A 89 -9.04 -10.59 -2.89
C LYS A 89 -9.35 -12.05 -2.57
N ASP A 90 -10.34 -12.27 -1.68
CA ASP A 90 -10.70 -13.57 -1.12
C ASP A 90 -12.20 -13.83 -1.24
N TYR A 91 -12.56 -15.12 -1.32
CA TYR A 91 -13.92 -15.56 -1.61
C TYR A 91 -14.39 -16.59 -0.59
N ALA A 92 -15.72 -16.82 -0.60
CA ALA A 92 -16.33 -17.89 0.18
C ALA A 92 -16.00 -19.23 -0.47
N ASP A 93 -15.99 -20.30 0.34
CA ASP A 93 -15.59 -21.61 -0.17
C ASP A 93 -16.49 -22.09 -1.30
N SER A 94 -17.81 -21.87 -1.20
CA SER A 94 -18.76 -22.34 -2.22
C SER A 94 -18.58 -21.65 -3.58
N VAL A 95 -18.32 -20.33 -3.60
CA VAL A 95 -18.18 -19.58 -4.87
C VAL A 95 -16.78 -19.63 -5.48
N LYS A 96 -15.82 -20.29 -4.84
CA LYS A 96 -14.45 -20.35 -5.36
C LYS A 96 -14.42 -21.10 -6.68
N GLY A 97 -13.61 -20.58 -7.62
CA GLY A 97 -13.51 -21.11 -8.98
C GLY A 97 -14.67 -20.76 -9.87
N ARG A 98 -15.60 -19.93 -9.40
CA ARG A 98 -16.76 -19.51 -10.16
C ARG A 98 -16.87 -17.99 -10.22
N PHE A 99 -16.89 -17.32 -9.06
CA PHE A 99 -17.04 -15.88 -9.03
C PHE A 99 -15.67 -15.19 -9.03
N THR A 100 -15.65 -13.95 -9.53
CA THR A 100 -14.44 -13.13 -9.49
C THR A 100 -14.77 -11.67 -9.21
N ILE A 101 -14.18 -11.17 -8.20
CA ILE A 101 -14.26 -9.76 -7.80
C ILE A 101 -13.17 -8.94 -8.50
N SER A 102 -13.46 -7.65 -8.67
CA SER A 102 -12.52 -6.71 -9.24
C SER A 102 -13.02 -5.29 -8.96
N ARG A 103 -12.12 -4.32 -9.05
CA ARG A 103 -12.52 -2.94 -8.87
C ARG A 103 -11.74 -2.04 -9.83
N ASP A 104 -12.37 -0.93 -10.19
CA ASP A 104 -11.79 0.12 -11.03
C ASP A 104 -11.83 1.39 -10.19
N ASN A 105 -10.68 1.76 -9.64
CA ASN A 105 -10.64 2.84 -8.66
C ASN A 105 -10.98 4.20 -9.24
N SER A 106 -10.68 4.41 -10.52
CA SER A 106 -10.97 5.69 -11.17
C SER A 106 -12.47 5.92 -11.25
N LYS A 107 -13.17 5.07 -11.98
CA LYS A 107 -14.62 5.16 -12.03
C LYS A 107 -15.29 4.93 -10.67
N SER A 108 -14.55 4.50 -9.64
CA SER A 108 -15.17 4.14 -8.37
C SER A 108 -16.20 3.02 -8.61
N THR A 109 -15.68 1.88 -9.08
CA THR A 109 -16.50 0.73 -9.44
C THR A 109 -15.99 -0.57 -8.83
N LEU A 110 -16.93 -1.35 -8.33
CA LEU A 110 -16.69 -2.69 -7.81
C LEU A 110 -17.59 -3.62 -8.58
N SER A 111 -17.08 -4.80 -8.91
CA SER A 111 -17.89 -5.72 -9.68
C SER A 111 -17.66 -7.15 -9.23
N LEU A 112 -18.65 -7.98 -9.57
CA LEU A 112 -18.65 -9.40 -9.28
C LEU A 112 -19.07 -10.14 -10.53
N GLN A 113 -18.12 -10.87 -11.09
CA GLN A 113 -18.36 -11.70 -12.25
C GLN A 113 -18.72 -13.07 -11.72
N MET A 114 -19.99 -13.43 -11.87
CA MET A 114 -20.53 -14.70 -11.41
C MET A 114 -20.65 -15.65 -12.58
N ASN A 115 -19.84 -16.71 -12.56
CA ASN A 115 -19.87 -17.73 -13.59
C ASN A 115 -20.46 -19.01 -13.04
N SER A 116 -20.91 -19.87 -13.95
CA SER A 116 -21.39 -21.22 -13.65
C SER A 116 -22.53 -21.23 -12.61
N LEU A 117 -23.40 -20.22 -12.62
CA LEU A 117 -24.49 -20.02 -11.65
C LEU A 117 -25.29 -21.27 -11.30
N ARG A 118 -25.22 -21.66 -10.02
CA ARG A 118 -25.95 -22.77 -9.40
C ARG A 118 -27.23 -22.21 -8.79
N ALA A 119 -28.22 -23.08 -8.58
CA ALA A 119 -29.46 -22.61 -7.98
C ALA A 119 -29.26 -22.06 -6.58
N GLU A 120 -28.11 -22.35 -5.95
CA GLU A 120 -27.86 -21.84 -4.60
C GLU A 120 -27.51 -20.35 -4.60
N ASP A 121 -27.26 -19.76 -5.76
CA ASP A 121 -26.83 -18.37 -5.84
C ASP A 121 -27.99 -17.40 -5.89
N THR A 122 -29.21 -17.90 -5.73
CA THR A 122 -30.38 -17.04 -5.74
C THR A 122 -30.36 -16.22 -4.47
N ALA A 123 -30.22 -14.91 -4.56
CA ALA A 123 -30.10 -14.12 -3.34
C ALA A 123 -30.24 -12.64 -3.67
N VAL A 124 -30.25 -11.80 -2.62
CA VAL A 124 -30.09 -10.37 -2.75
C VAL A 124 -28.61 -10.11 -2.54
N TYR A 125 -27.95 -9.43 -3.49
CA TYR A 125 -26.51 -9.21 -3.42
C TYR A 125 -26.18 -7.80 -2.96
N TYR A 126 -25.56 -7.71 -1.79
CA TYR A 126 -25.14 -6.45 -1.19
C TYR A 126 -23.68 -6.10 -1.46
N CYS A 127 -23.45 -4.85 -1.75
CA CYS A 127 -22.13 -4.31 -1.93
C CYS A 127 -21.94 -3.44 -0.72
N ALA A 128 -21.05 -3.85 0.17
CA ALA A 128 -20.80 -3.10 1.38
C ALA A 128 -19.32 -2.75 1.52
N ARG A 129 -19.07 -1.63 2.20
CA ARG A 129 -17.75 -1.05 2.42
C ARG A 129 -17.14 -1.46 3.74
N GLY A 130 -15.88 -1.91 3.70
CA GLY A 130 -15.20 -2.27 4.94
C GLY A 130 -14.95 -1.05 5.80
N LYS A 131 -15.13 -1.23 7.12
CA LYS A 131 -14.95 -0.15 8.10
C LYS A 131 -13.55 0.43 8.05
N GLU A 132 -12.54 -0.45 8.08
CA GLU A 132 -11.13 -0.11 8.07
C GLU A 132 -10.53 0.03 6.68
N GLU A 133 -9.65 1.01 6.55
CA GLU A 133 -9.03 1.31 5.27
C GLU A 133 -8.08 0.21 4.82
N TYR A 134 -7.90 0.13 3.49
CA TYR A 134 -7.01 -0.82 2.80
C TYR A 134 -7.49 -2.26 2.87
N TYR A 135 -7.67 -2.76 4.08
CA TYR A 135 -8.04 -4.14 4.29
C TYR A 135 -9.55 -4.38 4.37
N GLY A 136 -10.37 -3.36 4.59
CA GLY A 136 -11.79 -3.58 4.75
C GLY A 136 -12.15 -4.41 5.97
N SER A 137 -11.21 -4.55 6.92
CA SER A 137 -11.42 -5.30 8.14
C SER A 137 -12.33 -4.56 9.10
N GLY A 138 -12.60 -5.23 10.22
CA GLY A 138 -13.35 -4.63 11.31
C GLY A 138 -14.76 -4.21 10.95
N GLY A 139 -15.43 -4.97 10.07
CA GLY A 139 -16.83 -4.71 9.82
C GLY A 139 -17.23 -4.16 8.47
N SER A 140 -18.32 -3.36 8.44
CA SER A 140 -18.82 -2.74 7.19
C SER A 140 -19.56 -1.42 7.49
N ASP A 141 -18.88 -0.29 7.26
CA ASP A 141 -19.40 1.07 7.43
C ASP A 141 -20.79 1.26 6.82
N TYR A 142 -20.89 1.21 5.47
CA TYR A 142 -22.11 1.44 4.69
C TYR A 142 -22.40 0.31 3.71
N TRP A 143 -23.69 0.14 3.43
CA TRP A 143 -24.22 -0.94 2.59
C TRP A 143 -25.12 -0.38 1.49
N GLY A 144 -25.11 -1.08 0.34
CA GLY A 144 -26.04 -0.77 -0.73
C GLY A 144 -27.36 -1.46 -0.52
N GLN A 145 -28.38 -1.04 -1.25
CA GLN A 145 -29.70 -1.66 -1.15
C GLN A 145 -29.65 -3.14 -1.53
N GLY A 146 -28.99 -3.48 -2.63
CA GLY A 146 -28.86 -4.88 -2.99
C GLY A 146 -29.58 -5.15 -4.28
N THR A 147 -29.04 -6.07 -5.09
CA THR A 147 -29.64 -6.43 -6.37
C THR A 147 -29.97 -7.93 -6.40
N LEU A 148 -31.19 -8.25 -6.83
CA LEU A 148 -31.67 -9.63 -6.84
C LEU A 148 -31.22 -10.48 -8.03
N ILE A 149 -30.90 -11.73 -7.75
CA ILE A 149 -30.50 -12.77 -8.69
C ILE A 149 -31.48 -13.92 -8.48
N THR A 150 -32.05 -14.46 -9.57
CA THR A 150 -32.97 -15.60 -9.48
C THR A 150 -32.58 -16.70 -10.46
N VAL A 151 -31.99 -17.79 -9.98
CA VAL A 151 -31.58 -18.92 -10.81
C VAL A 151 -32.75 -19.89 -10.95
N SER A 152 -33.19 -20.16 -12.18
CA SER A 152 -34.36 -21.02 -12.47
C SER A 152 -34.07 -22.54 -12.53
N SER A 153 -33.82 -23.15 -11.37
CA SER A 153 -33.65 -24.61 -11.37
C SER A 153 -34.95 -25.35 -11.74
N SER A 168 -12.15 -25.76 9.73
CA SER A 168 -12.49 -24.79 8.68
C SER A 168 -12.97 -23.46 9.27
N ASP A 169 -13.85 -22.79 8.54
CA ASP A 169 -14.40 -21.47 8.92
C ASP A 169 -15.12 -21.45 10.28
N ILE A 170 -15.11 -20.27 10.90
CA ILE A 170 -15.78 -20.04 12.19
C ILE A 170 -17.29 -20.11 12.04
N VAL A 171 -17.96 -20.57 13.10
CA VAL A 171 -19.41 -20.79 13.16
C VAL A 171 -20.07 -19.97 14.25
N MET A 172 -20.79 -18.92 13.89
CA MET A 172 -21.47 -18.09 14.89
C MET A 172 -22.80 -18.72 15.27
N THR A 173 -23.10 -18.72 16.57
CA THR A 173 -24.34 -19.31 17.07
C THR A 173 -25.07 -18.22 17.84
N GLN A 174 -26.00 -17.56 17.14
CA GLN A 174 -26.83 -16.52 17.76
C GLN A 174 -27.91 -17.17 18.65
N SER A 175 -28.02 -16.73 19.92
CA SER A 175 -28.93 -17.47 20.79
C SER A 175 -30.43 -17.36 20.45
N PRO A 176 -31.14 -16.24 20.69
CA PRO A 176 -32.60 -16.25 20.38
C PRO A 176 -32.89 -16.12 18.89
N SER A 177 -33.51 -17.14 18.29
CA SER A 177 -33.84 -17.02 16.88
C SER A 177 -34.95 -16.02 16.66
N SER A 178 -36.03 -16.16 17.38
CA SER A 178 -37.15 -15.25 17.28
C SER A 178 -37.47 -14.66 18.63
N LEU A 179 -38.07 -13.48 18.61
CA LEU A 179 -38.28 -12.81 19.88
C LEU A 179 -39.39 -11.78 19.74
N SER A 180 -40.39 -11.82 20.61
CA SER A 180 -41.49 -10.85 20.54
C SER A 180 -41.61 -10.13 21.87
N ALA A 181 -41.43 -8.81 21.86
CA ALA A 181 -41.50 -7.99 23.06
C ALA A 181 -42.52 -6.87 22.87
N SER A 182 -42.80 -6.16 23.95
CA SER A 182 -43.60 -4.96 23.90
C SER A 182 -42.71 -3.74 24.13
N VAL A 183 -43.22 -2.59 23.70
CA VAL A 183 -42.46 -1.35 23.76
C VAL A 183 -41.97 -1.07 25.18
N GLY A 184 -40.68 -0.78 25.29
CA GLY A 184 -40.02 -0.43 26.53
C GLY A 184 -39.23 -1.54 27.19
N ASP A 185 -39.24 -2.74 26.62
CA ASP A 185 -38.60 -3.86 27.29
C ASP A 185 -37.11 -3.93 27.00
N ARG A 186 -36.35 -4.30 28.03
CA ARG A 186 -34.93 -4.53 27.86
C ARG A 186 -34.79 -5.85 27.15
N VAL A 187 -34.13 -5.84 26.00
CA VAL A 187 -34.02 -7.00 25.14
C VAL A 187 -32.57 -7.43 25.05
N THR A 188 -32.33 -8.73 25.04
CA THR A 188 -30.97 -9.21 24.95
C THR A 188 -30.79 -10.39 24.00
N ILE A 189 -29.82 -10.26 23.07
CA ILE A 189 -29.48 -11.29 22.10
C ILE A 189 -28.04 -11.75 22.34
N THR A 190 -27.78 -13.01 22.02
CA THR A 190 -26.48 -13.59 22.35
C THR A 190 -25.86 -14.19 21.11
N CYS A 191 -24.54 -14.11 21.04
CA CYS A 191 -23.75 -14.64 19.95
C CYS A 191 -22.63 -15.50 20.50
N ARG A 192 -22.56 -16.75 20.06
CA ARG A 192 -21.53 -17.67 20.54
C ARG A 192 -20.62 -18.05 19.37
N ALA A 193 -19.32 -17.83 19.53
CA ALA A 193 -18.34 -18.07 18.47
C ALA A 193 -17.67 -19.43 18.65
N SER A 194 -17.54 -20.20 17.56
CA SER A 194 -16.91 -21.51 17.65
C SER A 194 -15.43 -21.45 18.04
N GLN A 195 -14.80 -20.30 17.94
CA GLN A 195 -13.38 -20.12 18.26
C GLN A 195 -13.18 -18.76 18.90
N SER A 196 -12.19 -18.67 19.79
CA SER A 196 -11.91 -17.37 20.37
C SER A 196 -11.52 -16.30 19.32
N ILE A 197 -12.41 -15.34 19.13
CA ILE A 197 -12.22 -14.16 18.30
C ILE A 197 -12.20 -12.96 19.26
N SER A 198 -11.10 -12.26 19.38
CA SER A 198 -11.01 -11.37 20.54
C SER A 198 -11.62 -10.00 20.20
N SER A 199 -12.83 -9.75 20.70
CA SER A 199 -13.55 -8.49 20.52
C SER A 199 -13.80 -8.10 19.05
N TYR A 200 -13.55 -8.99 18.09
CA TYR A 200 -13.81 -8.71 16.68
C TYR A 200 -15.27 -9.02 16.35
N LEU A 201 -16.21 -8.50 17.13
CA LEU A 201 -17.62 -8.82 16.92
C LEU A 201 -18.41 -7.54 16.62
N HIS A 202 -19.27 -7.61 15.57
CA HIS A 202 -20.08 -6.48 15.12
C HIS A 202 -21.55 -6.89 14.96
N TRP A 203 -22.46 -5.98 15.32
CA TRP A 203 -23.90 -6.26 15.30
C TRP A 203 -24.56 -5.43 14.21
N TYR A 204 -25.51 -6.04 13.48
CA TYR A 204 -26.20 -5.41 12.36
C TYR A 204 -27.72 -5.47 12.53
N GLN A 205 -28.39 -4.48 11.94
CA GLN A 205 -29.83 -4.32 12.04
C GLN A 205 -30.42 -4.32 10.64
N GLN A 206 -30.99 -5.44 10.21
CA GLN A 206 -31.61 -5.57 8.89
C GLN A 206 -33.10 -5.28 9.00
N LYS A 207 -33.52 -4.05 8.71
CA LYS A 207 -34.95 -3.72 8.73
C LYS A 207 -35.66 -4.41 7.58
N PRO A 208 -37.02 -4.44 7.60
CA PRO A 208 -37.77 -5.18 6.56
C PRO A 208 -37.43 -4.75 5.15
N GLY A 209 -36.80 -5.65 4.40
CA GLY A 209 -36.49 -5.36 3.00
C GLY A 209 -35.60 -4.15 2.80
N LYS A 210 -34.66 -3.91 3.69
CA LYS A 210 -33.71 -2.82 3.48
C LYS A 210 -32.31 -3.28 3.86
N ALA A 211 -31.33 -2.62 3.25
CA ALA A 211 -29.91 -2.95 3.44
C ALA A 211 -29.50 -2.94 4.91
N PRO A 212 -28.64 -3.87 5.33
CA PRO A 212 -28.22 -3.90 6.73
C PRO A 212 -27.54 -2.59 7.14
N LYS A 213 -27.62 -2.30 8.43
CA LYS A 213 -26.99 -1.11 9.01
C LYS A 213 -26.15 -1.53 10.22
N LEU A 214 -24.91 -1.06 10.26
CA LEU A 214 -24.03 -1.33 11.38
C LEU A 214 -24.39 -0.50 12.61
N LEU A 215 -24.34 -1.15 13.82
CA LEU A 215 -24.65 -0.56 15.14
C LEU A 215 -23.49 -0.61 16.13
N ILE A 216 -22.77 -1.73 16.23
CA ILE A 216 -21.63 -1.90 17.13
C ILE A 216 -20.47 -2.55 16.39
N TYR A 217 -19.26 -1.93 16.47
CA TYR A 217 -18.07 -2.44 15.77
C TYR A 217 -17.07 -3.20 16.64
N ALA A 218 -16.25 -2.53 17.46
CA ALA A 218 -15.50 -3.35 18.38
C ALA A 218 -16.54 -3.97 19.26
N ALA A 219 -16.17 -5.02 19.97
CA ALA A 219 -17.17 -5.75 20.72
C ALA A 219 -18.23 -4.85 21.36
N SER A 220 -17.86 -3.65 21.83
CA SER A 220 -18.80 -2.76 22.50
C SER A 220 -18.79 -1.34 21.97
N SER A 221 -18.51 -1.13 20.70
CA SER A 221 -18.23 0.21 20.23
C SER A 221 -19.40 0.76 19.43
N LEU A 222 -20.04 1.80 19.99
CA LEU A 222 -21.25 2.39 19.41
C LEU A 222 -20.95 3.29 18.22
N GLN A 223 -21.54 2.96 17.08
CA GLN A 223 -21.43 3.76 15.87
C GLN A 223 -22.17 5.08 16.04
N SER A 224 -21.55 6.17 15.60
CA SER A 224 -22.18 7.48 15.72
C SER A 224 -23.49 7.49 14.95
N GLY A 225 -24.55 8.00 15.59
CA GLY A 225 -25.86 8.03 14.98
C GLY A 225 -26.80 6.95 15.50
N VAL A 226 -26.25 5.86 16.01
CA VAL A 226 -26.96 4.76 16.64
C VAL A 226 -27.35 5.32 18.01
N PRO A 227 -28.63 5.33 18.39
CA PRO A 227 -29.03 5.88 19.69
C PRO A 227 -28.37 5.19 20.87
N SER A 228 -28.39 5.89 22.01
CA SER A 228 -27.82 5.44 23.27
C SER A 228 -28.20 4.00 23.65
N ARG A 229 -29.49 3.66 23.49
CA ARG A 229 -30.03 2.35 23.91
C ARG A 229 -29.16 1.13 23.62
N PHE A 230 -28.76 0.97 22.37
CA PHE A 230 -28.00 -0.20 21.92
C PHE A 230 -26.63 -0.30 22.59
N SER A 231 -26.28 -1.51 23.05
CA SER A 231 -24.98 -1.73 23.70
C SER A 231 -24.58 -3.20 23.56
N GLY A 232 -23.28 -3.41 23.38
CA GLY A 232 -22.71 -4.74 23.21
C GLY A 232 -21.64 -4.98 24.25
N SER A 233 -21.26 -6.25 24.41
CA SER A 233 -20.27 -6.64 25.41
C SER A 233 -19.83 -8.08 25.15
N GLY A 234 -18.57 -8.36 25.42
CA GLY A 234 -18.11 -9.74 25.27
C GLY A 234 -16.65 -9.82 24.88
N SER A 235 -16.15 -11.06 24.86
CA SER A 235 -14.76 -11.37 24.53
C SER A 235 -14.59 -12.83 24.19
N GLY A 236 -13.61 -13.13 23.33
CA GLY A 236 -13.26 -14.52 23.09
C GLY A 236 -14.34 -15.28 22.37
N THR A 237 -15.30 -15.85 23.11
CA THR A 237 -16.33 -16.69 22.53
C THR A 237 -17.76 -16.21 22.77
N ASP A 238 -18.04 -15.51 23.86
CA ASP A 238 -19.41 -15.10 24.14
C ASP A 238 -19.56 -13.59 24.09
N PHE A 239 -20.59 -13.13 23.35
CA PHE A 239 -20.89 -11.71 23.22
C PHE A 239 -22.40 -11.52 23.26
N THR A 240 -22.82 -10.32 23.66
CA THR A 240 -24.24 -10.03 23.77
C THR A 240 -24.57 -8.59 23.45
N LEU A 241 -25.76 -8.40 22.88
CA LEU A 241 -26.28 -7.08 22.56
C LEU A 241 -27.49 -6.79 23.43
N THR A 242 -27.60 -5.55 23.88
CA THR A 242 -28.60 -5.17 24.84
C THR A 242 -29.35 -3.94 24.39
N ILE A 243 -30.59 -4.13 23.98
CA ILE A 243 -31.45 -3.01 23.64
C ILE A 243 -32.25 -2.70 24.90
N SER A 244 -31.75 -1.78 25.70
CA SER A 244 -32.58 -1.31 26.80
C SER A 244 -33.67 -0.42 26.20
N SER A 245 -34.86 -0.47 26.79
CA SER A 245 -36.00 0.37 26.38
C SER A 245 -36.24 0.33 24.86
N LEU A 246 -36.78 -0.80 24.40
CA LEU A 246 -37.13 -0.97 23.00
C LEU A 246 -37.97 0.19 22.50
N GLN A 247 -37.44 0.97 21.56
CA GLN A 247 -38.22 2.07 21.01
C GLN A 247 -39.13 1.61 19.87
N PRO A 248 -40.14 2.42 19.51
CA PRO A 248 -41.13 1.95 18.54
C PRO A 248 -40.56 1.62 17.16
N ALA A 249 -39.46 2.26 16.73
CA ALA A 249 -38.87 1.80 15.47
C ALA A 249 -38.76 0.31 15.64
N ASP A 250 -39.59 -0.42 14.91
CA ASP A 250 -39.52 -1.86 15.04
C ASP A 250 -38.20 -2.28 14.46
N PHE A 251 -37.50 -3.08 15.22
CA PHE A 251 -36.13 -3.30 14.87
C PHE A 251 -35.89 -4.52 13.97
N ALA A 252 -36.92 -5.19 13.50
CA ALA A 252 -36.76 -6.27 12.53
C ALA A 252 -35.64 -7.23 12.93
N THR A 253 -34.94 -7.82 11.97
CA THR A 253 -33.98 -8.87 12.29
C THR A 253 -32.59 -8.32 12.61
N TYR A 254 -31.76 -9.14 13.26
CA TYR A 254 -30.48 -8.71 13.84
C TYR A 254 -29.42 -9.79 13.72
N TYR A 255 -28.24 -9.43 13.18
CA TYR A 255 -27.18 -10.38 12.91
C TYR A 255 -25.86 -9.92 13.51
N CYS A 256 -25.05 -10.89 13.94
CA CYS A 256 -23.71 -10.61 14.44
C CYS A 256 -22.70 -11.00 13.39
N GLN A 257 -21.46 -10.58 13.58
CA GLN A 257 -20.46 -10.93 12.59
C GLN A 257 -19.08 -10.94 13.17
N GLN A 258 -18.34 -12.01 12.94
CA GLN A 258 -16.94 -12.05 13.33
C GLN A 258 -16.10 -11.54 12.19
N SER A 259 -14.95 -10.97 12.54
CA SER A 259 -14.03 -10.52 11.50
C SER A 259 -12.62 -10.89 11.87
N TYR A 260 -12.46 -11.96 12.65
CA TYR A 260 -11.12 -12.34 13.04
C TYR A 260 -10.47 -13.26 11.99
N SER A 261 -11.18 -14.27 11.54
CA SER A 261 -10.59 -15.20 10.60
C SER A 261 -11.12 -14.87 9.22
N THR A 262 -10.60 -15.60 8.22
CA THR A 262 -10.79 -15.30 6.80
C THR A 262 -12.24 -15.08 6.40
N PRO A 263 -13.16 -16.06 6.42
CA PRO A 263 -14.53 -15.76 5.96
C PRO A 263 -15.32 -15.09 7.07
N PRO A 264 -15.63 -13.78 6.98
CA PRO A 264 -16.30 -13.12 8.10
C PRO A 264 -17.67 -13.72 8.27
N THR A 265 -17.78 -14.60 9.27
CA THR A 265 -18.98 -15.40 9.48
C THR A 265 -20.02 -14.58 10.21
N PHE A 266 -21.26 -14.83 9.84
CA PHE A 266 -22.42 -14.22 10.44
C PHE A 266 -23.14 -15.27 11.29
N GLY A 267 -23.87 -14.83 12.28
CA GLY A 267 -24.80 -15.74 12.91
C GLY A 267 -26.09 -15.72 12.11
N GLY A 268 -27.00 -16.65 12.44
CA GLY A 268 -28.37 -16.58 11.93
C GLY A 268 -28.96 -15.29 12.47
N GLY A 269 -30.24 -15.00 12.27
CA GLY A 269 -30.79 -13.76 12.75
C GLY A 269 -31.48 -13.84 14.12
N THR A 270 -31.96 -12.68 14.56
CA THR A 270 -32.87 -12.52 15.70
C THR A 270 -33.98 -11.56 15.29
N LYS A 271 -35.13 -12.10 14.91
CA LYS A 271 -36.28 -11.29 14.53
C LYS A 271 -36.90 -10.68 15.79
N VAL A 272 -37.03 -9.35 15.85
CA VAL A 272 -37.57 -8.64 17.02
C VAL A 272 -38.88 -7.93 16.71
N GLU A 273 -40.00 -8.43 17.27
CA GLU A 273 -41.36 -7.96 17.05
C GLU A 273 -41.84 -7.03 18.14
N ILE A 274 -42.70 -6.10 17.79
CA ILE A 274 -43.23 -5.18 18.78
C ILE A 274 -44.76 -5.17 18.66
N ILE B 18 14.60 -1.98 -16.82
CA ILE B 18 14.59 -1.19 -18.05
C ILE B 18 14.72 0.31 -17.74
N ALA B 19 15.29 1.06 -18.70
CA ALA B 19 15.48 2.52 -18.67
C ALA B 19 14.20 3.28 -18.39
N ASN B 20 14.33 4.58 -18.07
CA ASN B 20 13.34 5.55 -17.59
C ASN B 20 13.20 5.40 -16.09
N SER B 21 13.72 4.31 -15.54
CA SER B 21 13.70 3.96 -14.13
C SER B 21 15.11 3.80 -13.58
N ILE B 22 16.05 4.59 -14.09
CA ILE B 22 17.43 4.56 -13.65
C ILE B 22 17.75 5.96 -13.15
N ASP B 23 18.41 6.06 -11.98
CA ASP B 23 18.74 7.36 -11.40
C ASP B 23 20.26 7.56 -11.32
N ILE B 24 20.71 8.79 -11.77
CA ILE B 24 22.10 9.22 -11.79
C ILE B 24 22.39 9.96 -10.50
N LEU B 25 23.54 9.67 -9.88
CA LEU B 25 23.84 10.28 -8.59
C LEU B 25 25.28 10.73 -8.51
N GLN B 26 25.46 12.02 -8.19
CA GLN B 26 26.78 12.65 -8.03
C GLN B 26 26.82 13.36 -6.70
N GLU B 27 26.74 12.57 -5.63
CA GLU B 27 26.75 13.13 -4.29
C GLU B 27 28.03 13.93 -4.03
N LYS B 28 29.12 13.56 -4.70
CA LYS B 28 30.46 14.11 -4.58
C LYS B 28 30.84 14.79 -5.89
N GLU B 29 31.99 15.48 -5.88
CA GLU B 29 32.50 16.01 -7.15
C GLU B 29 33.04 14.87 -8.01
N GLY B 30 33.87 14.00 -7.43
CA GLY B 30 34.36 12.84 -8.14
C GLY B 30 33.64 11.59 -7.67
N HIS B 31 32.43 11.39 -8.22
CA HIS B 31 31.54 10.27 -7.90
C HIS B 31 30.37 10.29 -8.86
N LEU B 32 30.03 9.12 -9.38
CA LEU B 32 28.86 8.96 -10.24
C LEU B 32 28.42 7.51 -10.16
N ASP B 33 27.18 7.28 -9.68
CA ASP B 33 26.67 5.92 -9.65
C ASP B 33 25.20 5.91 -10.08
N PHE B 34 24.81 4.82 -10.73
CA PHE B 34 23.47 4.55 -11.24
C PHE B 34 22.75 3.60 -10.31
N VAL B 35 21.41 3.56 -10.43
CA VAL B 35 20.59 2.62 -9.65
C VAL B 35 19.32 2.25 -10.40
N ILE B 36 19.09 0.95 -10.57
CA ILE B 36 17.89 0.46 -11.24
C ILE B 36 16.80 0.36 -10.18
N ILE B 37 15.91 1.35 -10.13
CA ILE B 37 14.92 1.44 -9.06
C ILE B 37 14.12 0.15 -8.84
N PRO B 38 13.64 -0.55 -9.86
CA PRO B 38 12.94 -1.82 -9.59
C PRO B 38 13.83 -2.91 -9.02
N HIS B 39 15.14 -2.73 -9.07
CA HIS B 39 16.06 -3.70 -8.48
C HIS B 39 16.21 -3.42 -6.99
N TYR B 40 16.45 -2.15 -6.61
CA TYR B 40 16.57 -1.79 -5.19
C TYR B 40 15.29 -2.09 -4.43
N THR B 41 14.13 -1.86 -5.06
CA THR B 41 12.89 -2.20 -4.39
C THR B 41 12.69 -3.71 -4.35
N PHE B 42 12.97 -4.41 -5.46
CA PHE B 42 12.86 -5.87 -5.48
C PHE B 42 13.74 -6.51 -4.42
N LEU B 43 14.97 -6.03 -4.28
CA LEU B 43 15.87 -6.60 -3.30
C LEU B 43 15.43 -6.25 -1.89
N ASP B 44 14.93 -5.01 -1.70
CA ASP B 44 14.49 -4.59 -0.38
C ASP B 44 13.26 -5.33 0.10
N TYR B 45 12.41 -5.73 -0.83
CA TYR B 45 11.21 -6.48 -0.49
C TYR B 45 11.55 -7.80 0.13
N TYR B 46 12.41 -8.58 -0.54
CA TYR B 46 12.83 -9.83 0.07
C TYR B 46 13.75 -9.61 1.23
N LYS B 47 14.43 -8.45 1.29
CA LYS B 47 15.16 -8.15 2.51
C LYS B 47 14.21 -8.08 3.69
N HIS B 48 12.98 -7.62 3.50
CA HIS B 48 12.05 -7.57 4.61
C HIS B 48 11.46 -8.93 4.92
N LEU B 49 10.87 -9.58 3.92
CA LEU B 49 10.26 -10.83 4.32
C LEU B 49 11.30 -11.91 4.60
N SER B 50 12.59 -11.64 4.42
CA SER B 50 13.57 -12.56 4.96
C SER B 50 13.68 -12.35 6.46
N TYR B 51 13.59 -11.10 6.92
CA TYR B 51 13.65 -10.81 8.34
C TYR B 51 12.33 -11.10 9.06
N ASN B 52 11.21 -10.75 8.44
CA ASN B 52 9.91 -10.97 9.07
C ASN B 52 9.67 -12.45 9.33
N SER B 53 10.19 -13.31 8.46
CA SER B 53 10.00 -14.74 8.62
C SER B 53 10.96 -15.40 9.60
N ILE B 54 11.91 -14.67 10.19
CA ILE B 54 12.78 -15.26 11.19
C ILE B 54 12.57 -14.66 12.58
N TYR B 55 11.91 -13.51 12.70
CA TYR B 55 11.61 -12.97 14.01
C TYR B 55 10.21 -13.35 14.46
N HIS B 56 9.49 -14.13 13.66
CA HIS B 56 8.13 -14.51 14.02
C HIS B 56 8.03 -15.26 15.35
N LYS B 57 8.98 -16.15 15.62
CA LYS B 57 8.97 -16.92 16.85
C LYS B 57 10.41 -16.85 17.32
N SER B 58 10.60 -16.63 18.64
CA SER B 58 11.95 -16.45 19.20
C SER B 58 12.85 -17.67 19.00
N SER B 59 12.27 -18.84 18.76
CA SER B 59 13.04 -20.03 18.46
C SER B 59 13.99 -19.80 17.25
N THR B 60 13.73 -18.80 16.39
CA THR B 60 14.49 -18.62 15.16
C THR B 60 15.29 -17.31 15.00
N TYR B 61 15.51 -16.51 16.06
CA TYR B 61 16.25 -15.26 15.86
C TYR B 61 17.69 -15.49 15.46
N GLY B 62 18.29 -16.59 15.93
CA GLY B 62 19.70 -16.92 15.70
C GLY B 62 20.09 -16.99 14.25
N LYS B 63 19.14 -16.89 13.35
CA LYS B 63 19.44 -16.93 11.94
C LYS B 63 19.93 -15.60 11.38
N TYR B 64 19.76 -14.47 12.10
CA TYR B 64 20.13 -13.17 11.52
C TYR B 64 21.57 -13.20 11.01
N ILE B 65 22.50 -13.77 11.79
CA ILE B 65 23.90 -13.82 11.37
C ILE B 65 24.02 -14.36 9.94
N ALA B 66 23.34 -15.47 9.63
CA ALA B 66 23.43 -16.02 8.27
C ALA B 66 22.60 -15.24 7.24
N VAL B 67 21.51 -14.58 7.66
CA VAL B 67 20.72 -13.75 6.75
C VAL B 67 21.48 -12.48 6.37
N ASP B 68 22.03 -11.79 7.37
CA ASP B 68 22.88 -10.64 7.08
C ASP B 68 23.98 -11.09 6.14
N ALA B 69 24.54 -12.27 6.40
CA ALA B 69 25.64 -12.81 5.60
C ALA B 69 25.22 -13.07 4.16
N PHE B 70 24.00 -13.52 3.94
CA PHE B 70 23.58 -13.77 2.57
C PHE B 70 23.32 -12.47 1.82
N ILE B 71 22.76 -11.45 2.50
CA ILE B 71 22.52 -10.18 1.82
C ILE B 71 23.83 -9.53 1.41
N LYS B 72 24.89 -9.72 2.21
CA LYS B 72 26.21 -9.25 1.82
C LYS B 72 26.70 -9.97 0.56
N LYS B 73 26.57 -11.30 0.53
CA LYS B 73 27.01 -12.04 -0.66
C LYS B 73 26.27 -11.56 -1.91
N ILE B 74 24.98 -11.27 -1.77
CA ILE B 74 24.18 -10.81 -2.91
C ILE B 74 24.58 -9.39 -3.31
N ASN B 75 24.65 -8.48 -2.35
CA ASN B 75 25.04 -7.11 -2.69
C ASN B 75 26.43 -7.03 -3.35
N GLU B 76 27.28 -8.05 -3.14
CA GLU B 76 28.59 -8.12 -3.79
C GLU B 76 28.47 -8.58 -5.24
N ALA B 77 27.69 -9.64 -5.47
CA ALA B 77 27.54 -10.18 -6.81
C ALA B 77 26.85 -9.16 -7.72
N TYR B 78 25.89 -8.40 -7.19
CA TYR B 78 25.23 -7.36 -7.97
C TYR B 78 26.21 -6.24 -8.33
N ASP B 79 27.05 -5.83 -7.39
CA ASP B 79 28.03 -4.79 -7.69
C ASP B 79 29.23 -5.30 -8.51
N LYS B 80 29.46 -6.62 -8.62
CA LYS B 80 30.44 -7.08 -9.60
C LYS B 80 29.91 -6.82 -11.01
N VAL B 81 28.60 -7.03 -11.20
CA VAL B 81 27.97 -6.70 -12.47
C VAL B 81 28.02 -5.19 -12.72
N LYS B 82 27.83 -4.37 -11.69
CA LYS B 82 27.93 -2.92 -11.85
C LYS B 82 29.30 -2.51 -12.34
N SER B 83 30.36 -3.03 -11.70
CA SER B 83 31.73 -2.66 -12.03
C SER B 83 32.15 -3.07 -13.44
N LYS B 84 31.34 -3.83 -14.16
CA LYS B 84 31.72 -4.10 -15.54
C LYS B 84 31.49 -2.88 -16.40
N CYS B 85 30.36 -2.19 -16.20
CA CYS B 85 30.14 -0.97 -16.96
C CYS B 85 31.08 0.18 -16.55
N ASN B 86 31.87 0.05 -15.47
CA ASN B 86 32.72 1.16 -14.99
C ASN B 86 33.52 1.83 -16.11
N ASP B 87 34.01 1.06 -17.08
CA ASP B 87 34.82 1.65 -18.15
C ASP B 87 34.04 2.76 -18.85
N ILE B 88 32.80 2.47 -19.25
CA ILE B 88 31.96 3.52 -19.85
C ILE B 88 31.66 4.60 -18.82
N LYS B 89 31.53 4.24 -17.54
CA LYS B 89 31.26 5.22 -16.49
C LYS B 89 32.36 6.29 -16.48
N ASN B 90 33.62 5.86 -16.41
CA ASN B 90 34.74 6.79 -16.36
C ASN B 90 34.78 7.71 -17.59
N ASP B 91 34.24 7.25 -18.73
CA ASP B 91 34.22 8.14 -19.89
C ASP B 91 33.31 9.32 -19.63
N LEU B 92 32.13 9.05 -19.06
CA LEU B 92 31.17 10.11 -18.77
C LEU B 92 31.63 11.00 -17.62
N ILE B 93 32.24 10.41 -16.59
CA ILE B 93 32.78 11.24 -15.52
C ILE B 93 33.76 12.22 -16.12
N ALA B 94 34.55 11.73 -17.07
CA ALA B 94 35.50 12.53 -17.82
C ALA B 94 34.79 13.56 -18.70
N THR B 95 33.70 13.20 -19.35
CA THR B 95 33.00 14.16 -20.19
C THR B 95 32.43 15.30 -19.36
N ILE B 96 31.83 14.97 -18.22
CA ILE B 96 31.22 15.98 -17.36
C ILE B 96 32.25 16.99 -16.91
N LYS B 97 33.40 16.51 -16.42
CA LYS B 97 34.40 17.44 -15.90
C LYS B 97 34.84 18.45 -16.96
N LYS B 98 34.81 18.09 -18.25
CA LYS B 98 35.12 19.08 -19.27
C LYS B 98 34.04 20.14 -19.37
N LEU B 99 32.79 19.78 -19.09
CA LEU B 99 31.73 20.76 -19.15
C LEU B 99 31.65 21.56 -17.87
N GLU B 100 31.90 20.88 -16.76
CA GLU B 100 31.86 21.52 -15.45
C GLU B 100 32.75 22.76 -15.44
N HIS B 101 34.05 22.55 -15.62
CA HIS B 101 35.03 23.64 -15.70
C HIS B 101 35.59 23.56 -17.11
N PRO B 102 35.01 24.30 -18.11
CA PRO B 102 35.48 24.16 -19.50
C PRO B 102 36.85 24.78 -19.74
N TYR B 103 37.64 24.80 -18.67
CA TYR B 103 39.02 25.25 -18.67
C TYR B 103 39.84 24.36 -19.60
N ASP B 104 40.62 24.98 -20.50
CA ASP B 104 41.45 24.33 -21.52
C ASP B 104 40.67 23.81 -22.73
N ILE B 105 39.83 24.64 -23.35
CA ILE B 105 39.09 24.23 -24.54
C ILE B 105 39.20 25.30 -25.62
N ALA B 111 31.14 25.00 -31.18
CA ALA B 111 32.28 25.19 -30.30
C ALA B 111 32.03 24.65 -28.88
N PHE B 112 30.79 24.82 -28.40
CA PHE B 112 30.34 24.32 -27.08
C PHE B 112 29.55 23.01 -27.17
N LYS B 113 28.56 22.94 -28.08
CA LYS B 113 27.82 21.72 -28.34
C LYS B 113 28.70 20.60 -28.87
N LYS B 114 29.98 20.90 -29.16
CA LYS B 114 30.94 19.89 -29.57
C LYS B 114 31.18 18.87 -28.46
N MET B 115 31.66 19.32 -27.29
CA MET B 115 31.85 18.41 -26.15
C MET B 115 30.57 18.22 -25.36
N MET B 116 29.55 19.04 -25.65
CA MET B 116 28.25 18.91 -25.02
C MET B 116 27.46 17.73 -25.57
N ASP B 117 27.54 17.51 -26.88
CA ASP B 117 26.88 16.34 -27.44
C ASP B 117 27.60 15.06 -27.06
N GLU B 118 28.93 15.10 -26.95
CA GLU B 118 29.69 13.96 -26.44
C GLU B 118 29.13 13.47 -25.11
N TYR B 119 28.45 14.34 -24.37
CA TYR B 119 27.79 13.96 -23.11
C TYR B 119 26.61 13.02 -23.36
N ASN B 120 25.57 13.51 -24.06
CA ASN B 120 24.34 12.73 -24.27
C ASN B 120 24.61 11.34 -24.83
N THR B 121 25.62 11.21 -25.69
CA THR B 121 25.90 9.92 -26.29
C THR B 121 26.60 8.97 -25.30
N LYS B 122 27.56 9.48 -24.52
CA LYS B 122 28.19 8.63 -23.50
C LYS B 122 27.20 8.30 -22.38
N LYS B 123 26.29 9.24 -22.09
CA LYS B 123 25.20 8.99 -21.14
C LYS B 123 24.32 7.85 -21.63
N LYS B 124 23.97 7.89 -22.90
CA LYS B 124 23.12 6.87 -23.45
C LYS B 124 23.89 5.59 -23.75
N LYS B 125 25.20 5.67 -23.93
CA LYS B 125 25.93 4.43 -24.13
C LYS B 125 25.99 3.63 -22.83
N LEU B 126 25.92 4.30 -21.69
CA LEU B 126 25.93 3.57 -20.42
C LEU B 126 24.58 2.95 -20.08
N ILE B 127 23.46 3.64 -20.35
CA ILE B 127 22.18 2.99 -20.14
C ILE B 127 22.12 1.75 -21.01
N LYS B 128 22.59 1.89 -22.26
CA LYS B 128 22.72 0.76 -23.17
C LYS B 128 23.60 -0.31 -22.56
N CYS B 129 24.64 0.10 -21.83
CA CYS B 129 25.50 -0.89 -21.19
C CYS B 129 24.73 -1.64 -20.09
N ILE B 130 23.90 -0.94 -19.30
CA ILE B 130 23.18 -1.65 -18.24
C ILE B 130 22.26 -2.69 -18.83
N LYS B 131 21.44 -2.30 -19.78
CA LYS B 131 20.51 -3.24 -20.37
C LYS B 131 21.24 -4.44 -20.96
N ASN B 132 22.54 -4.32 -21.23
CA ASN B 132 23.33 -5.46 -21.69
C ASN B 132 23.38 -6.54 -20.61
N HIS B 133 23.69 -6.14 -19.40
CA HIS B 133 23.70 -7.06 -18.28
C HIS B 133 22.37 -7.11 -17.53
N GLU B 134 21.26 -6.73 -18.17
CA GLU B 134 19.98 -6.79 -17.47
C GLU B 134 19.66 -8.24 -17.12
N ASN B 135 20.13 -9.18 -17.93
CA ASN B 135 19.96 -10.60 -17.63
C ASN B 135 20.86 -11.05 -16.50
N ASP B 136 22.01 -10.41 -16.35
CA ASP B 136 22.92 -10.73 -15.26
C ASP B 136 22.41 -10.20 -13.94
N PHE B 137 21.73 -9.05 -13.96
CA PHE B 137 21.13 -8.53 -12.74
C PHE B 137 19.97 -9.38 -12.26
N ASN B 138 19.21 -10.00 -13.17
CA ASN B 138 18.09 -10.80 -12.71
C ASN B 138 18.55 -12.07 -12.01
N LYS B 139 19.68 -12.65 -12.42
CA LYS B 139 20.18 -13.83 -11.72
C LYS B 139 20.50 -13.50 -10.27
N ILE B 140 21.07 -12.32 -10.02
CA ILE B 140 21.31 -11.91 -8.64
C ILE B 140 19.97 -11.62 -7.94
N CYS B 141 19.00 -11.03 -8.64
CA CYS B 141 17.71 -10.73 -8.01
C CYS B 141 16.97 -11.99 -7.57
N MET B 142 16.73 -12.93 -8.48
CA MET B 142 15.98 -14.14 -8.12
C MET B 142 16.66 -14.92 -6.99
N ASP B 143 18.00 -14.82 -6.87
CA ASP B 143 18.68 -15.47 -5.76
C ASP B 143 18.23 -14.86 -4.44
N MET B 144 17.81 -13.58 -4.47
CA MET B 144 17.28 -12.93 -3.29
C MET B 144 15.84 -13.36 -3.06
N LYS B 145 15.08 -13.56 -4.13
CA LYS B 145 13.73 -14.09 -4.01
C LYS B 145 13.73 -15.55 -3.57
N ASN B 146 14.57 -16.40 -4.21
CA ASN B 146 14.60 -17.81 -3.81
C ASN B 146 15.02 -17.95 -2.36
N TYR B 147 15.96 -17.12 -1.92
CA TYR B 147 16.37 -17.17 -0.51
C TYR B 147 15.26 -16.64 0.38
N GLY B 148 14.64 -15.53 -0.03
CA GLY B 148 13.56 -14.96 0.76
C GLY B 148 12.39 -15.91 0.90
N THR B 149 12.04 -16.59 -0.20
CA THR B 149 10.90 -17.52 -0.22
C THR B 149 11.10 -18.71 0.73
N ASN B 150 12.21 -19.44 0.59
CA ASN B 150 12.48 -20.60 1.45
C ASN B 150 12.58 -20.24 2.93
N LEU B 151 12.70 -18.95 3.25
CA LEU B 151 12.68 -18.48 4.64
C LEU B 151 11.28 -18.20 5.12
N PHE B 152 10.46 -17.58 4.27
CA PHE B 152 9.10 -17.23 4.62
C PHE B 152 8.13 -18.42 4.55
N GLU B 153 8.41 -19.40 3.68
CA GLU B 153 7.56 -20.58 3.61
C GLU B 153 7.70 -21.46 4.84
N GLN B 154 8.90 -21.59 5.37
CA GLN B 154 9.11 -22.40 6.57
C GLN B 154 8.41 -21.86 7.82
N LEU B 155 7.65 -20.78 7.66
CA LEU B 155 6.96 -20.14 8.77
C LEU B 155 5.84 -21.01 9.35
N SER B 156 5.78 -21.10 10.68
CA SER B 156 4.79 -21.93 11.35
C SER B 156 4.38 -21.33 12.69
N CYS B 157 3.12 -21.56 13.05
CA CYS B 157 2.54 -21.17 14.33
C CYS B 157 2.28 -22.43 15.17
N TYR B 158 1.83 -22.24 16.41
CA TYR B 158 1.56 -23.40 17.24
C TYR B 158 0.29 -24.10 16.81
N ASN B 159 -0.73 -23.35 16.38
CA ASN B 159 -2.02 -23.97 16.04
C ASN B 159 -2.62 -23.60 14.68
N ASN B 160 -2.11 -22.57 13.99
CA ASN B 160 -2.55 -22.01 12.70
C ASN B 160 -3.78 -21.13 12.83
N ASN B 161 -4.49 -21.14 13.94
CA ASN B 161 -5.66 -20.27 14.11
C ASN B 161 -5.29 -18.98 14.78
N PHE B 162 -4.37 -19.06 15.71
CA PHE B 162 -3.86 -17.90 16.43
C PHE B 162 -2.38 -17.85 16.08
N CYS B 163 -2.05 -16.96 15.15
CA CYS B 163 -0.67 -16.71 14.75
C CYS B 163 -0.25 -15.42 15.39
N ASN B 164 0.98 -15.39 15.89
CA ASN B 164 1.40 -14.25 16.66
C ASN B 164 2.08 -13.17 15.81
N THR B 165 1.69 -11.92 16.05
CA THR B 165 2.33 -10.82 15.32
C THR B 165 3.55 -10.35 16.11
N ASN B 166 4.46 -11.27 16.39
CA ASN B 166 5.68 -10.89 17.10
C ASN B 166 6.85 -10.62 16.17
N GLY B 167 6.90 -11.28 15.01
CA GLY B 167 7.89 -10.97 13.99
C GLY B 167 7.61 -9.58 13.49
N ILE B 168 6.38 -9.36 13.02
CA ILE B 168 5.95 -8.04 12.56
C ILE B 168 6.23 -6.96 13.59
N ARG B 169 5.97 -7.24 14.87
CA ARG B 169 6.11 -6.17 15.84
C ARG B 169 7.58 -5.80 16.01
N TYR B 170 8.43 -6.79 16.27
CA TYR B 170 9.83 -6.50 16.54
C TYR B 170 10.48 -5.79 15.36
N HIS B 171 10.50 -6.48 14.21
CA HIS B 171 11.07 -6.00 12.96
C HIS B 171 10.72 -4.56 12.58
N TYR B 172 9.44 -4.16 12.69
CA TYR B 172 9.08 -2.78 12.42
C TYR B 172 9.76 -1.85 13.40
N ASP B 173 9.52 -2.06 14.69
CA ASP B 173 10.08 -1.20 15.74
C ASP B 173 11.57 -1.00 15.58
N GLU B 174 12.27 -2.06 15.20
CA GLU B 174 13.73 -2.01 15.11
C GLU B 174 14.17 -1.48 13.74
N TYR B 175 13.96 -2.27 12.68
CA TYR B 175 14.51 -1.91 11.37
C TYR B 175 13.81 -0.77 10.66
N ILE B 176 12.57 -0.46 10.95
CA ILE B 176 11.81 0.49 10.17
C ILE B 176 11.49 1.77 10.93
N HIS B 177 10.99 1.64 12.15
CA HIS B 177 10.61 2.82 12.94
C HIS B 177 11.62 3.96 12.93
N LYS B 178 12.91 3.66 13.08
CA LYS B 178 13.92 4.71 13.03
C LYS B 178 13.79 5.53 11.75
N LEU B 179 13.68 4.84 10.61
CA LEU B 179 13.62 5.51 9.33
C LEU B 179 12.42 6.43 9.24
N ILE B 180 11.31 6.03 9.84
CA ILE B 180 10.12 6.86 9.85
C ILE B 180 10.34 8.07 10.73
N LEU B 181 10.88 7.86 11.93
CA LEU B 181 11.10 8.96 12.86
C LEU B 181 11.93 10.08 12.24
N SER B 182 13.00 9.72 11.51
CA SER B 182 13.86 10.76 10.94
C SER B 182 13.09 11.62 9.96
N VAL B 183 12.29 10.99 9.10
CA VAL B 183 11.57 11.73 8.09
C VAL B 183 10.52 12.64 8.74
N LYS B 184 9.97 12.24 9.90
CA LYS B 184 8.98 13.07 10.59
C LYS B 184 9.61 14.34 11.14
N SER B 185 10.81 14.20 11.71
CA SER B 185 11.54 15.33 12.27
C SER B 185 11.83 16.42 11.25
N LYS B 186 12.25 16.05 10.04
CA LYS B 186 12.57 17.05 9.06
C LYS B 186 11.33 17.55 8.33
N ASN B 187 11.54 18.66 7.62
CA ASN B 187 10.51 19.31 6.84
C ASN B 187 10.86 19.02 5.38
N LEU B 188 10.44 17.86 4.89
CA LEU B 188 10.80 17.54 3.51
C LEU B 188 10.10 18.43 2.49
N ASN B 189 9.17 19.29 2.92
CA ASN B 189 8.53 20.27 2.05
C ASN B 189 9.26 21.60 2.08
N LYS B 190 9.85 21.99 3.22
CA LYS B 190 10.73 23.15 3.17
C LYS B 190 12.04 22.79 2.47
N ASP B 191 12.52 21.54 2.58
CA ASP B 191 13.67 21.08 1.79
C ASP B 191 13.45 21.32 0.30
N LEU B 192 12.24 21.05 -0.17
CA LEU B 192 11.90 21.30 -1.56
C LEU B 192 11.74 22.78 -1.82
N SER B 193 10.97 23.45 -0.95
CA SER B 193 10.73 24.89 -1.09
C SER B 193 12.03 25.70 -1.05
N ASP B 194 13.07 25.18 -0.38
CA ASP B 194 14.37 25.87 -0.39
C ASP B 194 15.15 25.58 -1.67
N MET B 195 15.15 24.32 -2.14
CA MET B 195 15.84 24.01 -3.38
C MET B 195 15.28 24.82 -4.52
N THR B 196 13.97 25.12 -4.50
CA THR B 196 13.39 25.93 -5.56
C THR B 196 13.93 27.35 -5.56
N ASN B 197 14.06 27.96 -4.38
CA ASN B 197 14.57 29.32 -4.33
C ASN B 197 15.97 29.41 -4.90
N ILE B 198 16.76 28.33 -4.74
CA ILE B 198 18.11 28.29 -5.31
C ILE B 198 18.05 28.30 -6.84
N LEU B 199 17.17 27.49 -7.41
CA LEU B 199 17.07 27.44 -8.86
C LEU B 199 16.50 28.74 -9.44
N GLN B 200 15.62 29.43 -8.70
CA GLN B 200 15.00 30.64 -9.24
C GLN B 200 15.98 31.82 -9.25
N GLN B 201 16.76 31.99 -8.17
CA GLN B 201 17.74 33.08 -8.14
C GLN B 201 18.91 32.84 -9.10
N SER B 202 19.26 31.59 -9.37
CA SER B 202 20.28 31.32 -10.38
C SER B 202 19.80 31.79 -11.75
N GLU B 203 18.53 31.52 -12.07
CA GLU B 203 18.00 31.96 -13.35
C GLU B 203 18.04 33.49 -13.44
N LEU B 204 17.67 34.19 -12.36
CA LEU B 204 17.63 35.65 -12.38
C LEU B 204 19.01 36.26 -12.57
N LEU B 205 20.02 35.67 -11.94
CA LEU B 205 21.36 36.18 -12.08
C LEU B 205 21.98 35.77 -13.41
N LEU B 206 21.76 34.51 -13.84
CA LEU B 206 22.25 34.08 -15.14
C LEU B 206 21.62 34.90 -16.25
N THR B 207 20.38 35.37 -16.03
CA THR B 207 19.73 36.30 -16.96
C THR B 207 20.47 37.62 -17.01
N ASN B 208 20.81 38.17 -15.84
CA ASN B 208 21.55 39.42 -15.78
C ASN B 208 22.95 39.29 -16.39
N LEU B 209 23.61 38.11 -16.27
CA LEU B 209 24.97 37.88 -16.78
C LEU B 209 25.03 37.62 -18.28
N ASN B 210 24.14 36.77 -18.80
CA ASN B 210 24.10 36.55 -20.24
C ASN B 210 23.76 37.85 -20.98
N LYS B 211 22.96 38.72 -20.35
CA LYS B 211 22.65 40.06 -20.87
C LYS B 211 23.89 40.95 -20.85
N LYS B 212 24.53 41.07 -19.69
CA LYS B 212 25.64 41.99 -19.48
C LYS B 212 26.83 41.70 -20.39
N MET B 213 27.07 40.45 -20.77
CA MET B 213 28.23 40.17 -21.63
C MET B 213 27.91 39.36 -22.87
N GLY B 214 26.83 38.62 -22.91
CA GLY B 214 26.58 37.83 -24.10
C GLY B 214 27.31 36.51 -24.05
N SER B 215 27.56 35.96 -25.24
CA SER B 215 28.08 34.60 -25.31
C SER B 215 29.49 34.49 -24.78
N TYR B 216 29.67 33.46 -23.97
CA TYR B 216 30.92 33.05 -23.35
C TYR B 216 30.75 31.58 -23.01
N ILE B 217 31.81 30.77 -23.14
CA ILE B 217 31.63 29.33 -22.90
C ILE B 217 31.11 29.05 -21.50
N TYR B 218 31.50 29.87 -20.51
CA TYR B 218 31.05 29.62 -19.15
C TYR B 218 29.58 29.99 -18.98
N ILE B 219 29.06 30.98 -19.72
CA ILE B 219 27.63 31.24 -19.64
C ILE B 219 26.87 30.02 -20.13
N ASP B 220 27.49 29.22 -21.01
CA ASP B 220 26.87 27.96 -21.40
C ASP B 220 27.10 26.83 -20.39
N THR B 221 28.16 26.87 -19.57
CA THR B 221 28.26 25.87 -18.49
C THR B 221 27.31 26.17 -17.33
N ILE B 222 27.01 27.45 -17.07
CA ILE B 222 26.02 27.82 -16.06
C ILE B 222 24.63 27.35 -16.47
N LYS B 223 24.31 27.52 -17.76
CA LYS B 223 23.04 27.04 -18.30
C LYS B 223 22.95 25.52 -18.23
N PHE B 224 24.07 24.83 -18.47
CA PHE B 224 24.09 23.37 -18.42
C PHE B 224 23.81 22.85 -17.03
N ILE B 225 24.57 23.35 -16.05
CA ILE B 225 24.40 22.90 -14.69
C ILE B 225 23.03 23.32 -14.14
N HIS B 226 22.66 24.59 -14.31
CA HIS B 226 21.31 25.05 -13.91
C HIS B 226 20.21 24.12 -14.39
N LYS B 227 20.25 23.74 -15.67
CA LYS B 227 19.21 22.84 -16.18
C LYS B 227 19.40 21.44 -15.62
N GLU B 228 20.65 20.97 -15.54
CA GLU B 228 20.93 19.65 -14.96
C GLU B 228 20.42 19.54 -13.52
N MET B 229 20.47 20.64 -12.77
CA MET B 229 19.98 20.73 -11.39
C MET B 229 18.46 20.83 -11.35
N LYS B 230 17.86 21.40 -12.40
CA LYS B 230 16.41 21.43 -12.47
C LYS B 230 15.85 20.01 -12.53
N HIS B 231 16.56 19.11 -13.22
CA HIS B 231 16.12 17.71 -13.25
C HIS B 231 16.25 17.02 -11.89
N ILE B 232 17.40 17.20 -11.24
CA ILE B 232 17.60 16.59 -9.95
C ILE B 232 16.54 17.06 -8.97
N PHE B 233 16.08 18.31 -9.11
CA PHE B 233 14.98 18.79 -8.28
C PHE B 233 13.69 18.06 -8.58
N ASN B 234 13.35 17.89 -9.86
CA ASN B 234 12.12 17.19 -10.20
C ASN B 234 12.17 15.74 -9.75
N ARG B 235 13.35 15.11 -9.77
CA ARG B 235 13.48 13.77 -9.23
C ARG B 235 13.34 13.78 -7.72
N ILE B 236 13.80 14.84 -7.06
CA ILE B 236 13.58 14.99 -5.64
C ILE B 236 12.11 15.28 -5.33
N GLU B 237 11.51 16.24 -6.04
CA GLU B 237 10.10 16.57 -5.78
C GLU B 237 9.22 15.33 -5.85
N TYR B 238 9.53 14.42 -6.76
CA TYR B 238 8.79 13.17 -6.94
C TYR B 238 9.07 12.15 -5.86
N HIS B 239 10.33 11.96 -5.47
CA HIS B 239 10.59 10.96 -4.44
C HIS B 239 10.06 11.38 -3.09
N THR B 240 10.04 12.68 -2.76
CA THR B 240 9.44 13.06 -1.51
C THR B 240 7.92 12.86 -1.52
N LYS B 241 7.29 12.86 -2.69
CA LYS B 241 5.86 12.61 -2.69
C LYS B 241 5.56 11.18 -2.28
N ILE B 242 6.30 10.20 -2.82
CA ILE B 242 6.19 8.81 -2.36
C ILE B 242 6.56 8.71 -0.89
N ILE B 243 7.54 9.49 -0.46
CA ILE B 243 7.91 9.47 0.95
C ILE B 243 6.73 9.90 1.79
N ASN B 244 6.06 11.00 1.40
CA ASN B 244 4.92 11.46 2.19
C ASN B 244 3.80 10.42 2.27
N ASP B 245 3.47 9.78 1.15
CA ASP B 245 2.37 8.79 1.15
C ASP B 245 2.75 7.53 1.93
N LYS B 246 3.92 6.96 1.68
CA LYS B 246 4.27 5.75 2.39
C LYS B 246 4.51 6.00 3.88
N THR B 247 4.71 7.26 4.28
CA THR B 247 4.79 7.59 5.71
C THR B 247 3.44 7.47 6.40
N LYS B 248 2.37 8.04 5.81
CA LYS B 248 1.07 7.90 6.46
C LYS B 248 0.64 6.44 6.42
N ILE B 249 0.76 5.80 5.25
CA ILE B 249 0.31 4.41 5.08
C ILE B 249 1.03 3.46 6.03
N ILE B 250 2.37 3.48 6.05
CA ILE B 250 3.03 2.51 6.94
C ILE B 250 2.61 2.77 8.39
N GLN B 251 2.54 4.05 8.82
CA GLN B 251 2.10 4.40 10.17
C GLN B 251 0.65 3.99 10.43
N ASP B 252 -0.22 4.14 9.43
CA ASP B 252 -1.60 3.71 9.62
C ASP B 252 -1.67 2.19 9.59
N LYS B 253 -1.21 1.56 8.50
CA LYS B 253 -1.32 0.10 8.34
C LYS B 253 -0.78 -0.66 9.55
N ILE B 254 0.45 -0.34 10.00
CA ILE B 254 1.12 -1.11 11.08
C ILE B 254 0.15 -1.38 12.26
N LYS B 255 -0.63 -0.38 12.71
CA LYS B 255 -1.50 -0.56 13.88
C LYS B 255 -2.48 -1.73 13.71
N LEU B 256 -2.67 -2.21 12.49
CA LEU B 256 -3.66 -3.24 12.27
C LEU B 256 -3.02 -4.59 12.05
N ASN B 257 -1.70 -4.65 12.11
CA ASN B 257 -0.99 -5.90 11.88
C ASN B 257 -0.17 -6.30 13.11
N ILE B 258 -0.29 -5.57 14.21
CA ILE B 258 0.41 -5.88 15.46
C ILE B 258 -0.62 -5.91 16.56
N TRP B 259 -0.20 -6.45 17.71
CA TRP B 259 -1.02 -6.49 18.92
C TRP B 259 -2.31 -7.29 18.69
N ARG B 260 -2.14 -8.48 18.10
CA ARG B 260 -3.24 -9.37 17.79
C ARG B 260 -2.72 -10.66 17.20
N THR B 261 -3.61 -11.59 16.93
CA THR B 261 -3.29 -12.85 16.28
C THR B 261 -4.15 -13.00 15.03
N PHE B 262 -3.61 -13.67 14.02
CA PHE B 262 -4.34 -13.85 12.76
C PHE B 262 -4.40 -15.32 12.45
N GLN B 263 -5.25 -15.67 11.50
CA GLN B 263 -5.10 -16.98 10.92
C GLN B 263 -3.79 -16.98 10.13
N LYS B 264 -3.18 -18.16 9.96
CA LYS B 264 -1.89 -18.22 9.25
C LYS B 264 -1.97 -17.73 7.80
N ASP B 265 -3.05 -18.07 7.09
CA ASP B 265 -3.15 -17.62 5.69
C ASP B 265 -3.37 -16.11 5.64
N GLU B 266 -3.95 -15.52 6.67
CA GLU B 266 -4.04 -14.07 6.74
C GLU B 266 -2.76 -13.42 7.23
N LEU B 267 -2.02 -14.11 8.10
CA LEU B 267 -0.76 -13.55 8.56
C LEU B 267 0.23 -13.43 7.40
N LEU B 268 0.44 -14.51 6.64
CA LEU B 268 1.38 -14.42 5.53
C LEU B 268 1.01 -13.29 4.59
N LYS B 269 -0.30 -13.09 4.39
CA LYS B 269 -0.79 -11.98 3.58
C LYS B 269 -0.41 -10.64 4.18
N ARG B 270 -0.66 -10.45 5.48
CA ARG B 270 -0.33 -9.15 6.05
C ARG B 270 1.16 -8.84 6.05
N ILE B 271 2.03 -9.86 6.20
CA ILE B 271 3.47 -9.54 6.18
C ILE B 271 3.94 -9.20 4.77
N LEU B 272 3.31 -9.75 3.73
CA LEU B 272 3.72 -9.35 2.40
C LEU B 272 3.26 -7.94 2.10
N ASP B 273 2.04 -7.58 2.51
CA ASP B 273 1.60 -6.20 2.31
C ASP B 273 2.57 -5.25 2.97
N MET B 274 3.11 -5.64 4.12
CA MET B 274 4.11 -4.81 4.76
C MET B 274 5.43 -4.75 3.94
N SER B 275 6.07 -5.91 3.68
CA SER B 275 7.34 -5.91 2.93
C SER B 275 7.25 -5.08 1.67
N ASN B 276 6.03 -4.88 1.18
CA ASN B 276 5.76 -4.03 0.03
C ASN B 276 5.82 -2.55 0.41
N GLU B 277 5.04 -2.14 1.41
CA GLU B 277 5.05 -0.72 1.82
C GLU B 277 6.44 -0.28 2.23
N TYR B 278 7.11 -1.12 2.99
CA TYR B 278 8.49 -0.90 3.37
C TYR B 278 9.40 -0.67 2.17
N SER B 279 9.57 -1.74 1.36
CA SER B 279 10.52 -1.70 0.25
C SER B 279 10.32 -0.50 -0.66
N LEU B 280 9.05 -0.11 -0.89
CA LEU B 280 8.74 1.06 -1.71
C LEU B 280 9.06 2.37 -0.98
N PHE B 281 8.91 2.38 0.34
CA PHE B 281 9.25 3.57 1.09
C PHE B 281 10.76 3.72 1.17
N ILE B 282 11.45 2.59 1.41
CA ILE B 282 12.92 2.56 1.52
C ILE B 282 13.59 2.99 0.22
N THR B 283 13.02 2.58 -0.90
CA THR B 283 13.55 3.01 -2.18
C THR B 283 13.49 4.52 -2.28
N SER B 284 12.30 5.09 -2.10
CA SER B 284 12.13 6.53 -2.28
C SER B 284 12.82 7.35 -1.19
N ASP B 285 13.16 6.76 -0.04
CA ASP B 285 13.93 7.54 0.94
C ASP B 285 15.42 7.50 0.62
N HIS B 286 15.94 6.30 0.43
CA HIS B 286 17.35 6.15 0.13
C HIS B 286 17.77 6.99 -1.07
N LEU B 287 17.00 6.95 -2.17
CA LEU B 287 17.30 7.79 -3.34
C LEU B 287 17.11 9.26 -3.07
N ARG B 288 16.08 9.65 -2.34
CA ARG B 288 15.91 11.08 -2.11
C ARG B 288 17.12 11.67 -1.42
N GLN B 289 17.75 10.95 -0.49
CA GLN B 289 18.94 11.51 0.17
C GLN B 289 20.09 11.73 -0.82
N MET B 290 20.45 10.70 -1.62
CA MET B 290 21.51 10.85 -2.62
C MET B 290 21.20 11.91 -3.67
N LEU B 291 19.92 12.13 -3.96
CA LEU B 291 19.54 13.16 -4.90
C LEU B 291 19.68 14.54 -4.28
N TYR B 292 19.32 14.68 -3.01
CA TYR B 292 19.63 15.91 -2.30
C TYR B 292 21.13 16.10 -2.27
N ASN B 293 21.86 15.01 -1.99
CA ASN B 293 23.32 15.03 -2.02
C ASN B 293 23.85 15.48 -3.37
N THR B 294 23.33 14.89 -4.43
CA THR B 294 23.80 15.28 -5.75
C THR B 294 23.41 16.71 -6.00
N PHE B 295 22.16 17.07 -5.72
CA PHE B 295 21.71 18.44 -5.92
C PHE B 295 22.63 19.44 -5.28
N TYR B 296 22.95 19.25 -4.01
CA TYR B 296 23.83 20.26 -3.43
C TYR B 296 25.29 20.12 -3.84
N SER B 297 25.71 18.96 -4.38
CA SER B 297 27.07 18.82 -4.89
C SER B 297 27.26 19.63 -6.16
N LYS B 298 26.23 19.63 -7.02
CA LYS B 298 26.21 20.43 -8.23
C LYS B 298 26.02 21.90 -7.89
N GLU B 299 25.39 22.19 -6.75
CA GLU B 299 25.21 23.59 -6.35
C GLU B 299 26.57 24.23 -6.05
N LYS B 300 27.49 23.48 -5.41
CA LYS B 300 28.84 23.97 -5.20
C LYS B 300 29.54 24.31 -6.52
N HIS B 301 29.66 23.34 -7.44
CA HIS B 301 30.23 23.63 -8.77
C HIS B 301 29.63 24.89 -9.34
N LEU B 302 28.31 24.97 -9.34
CA LEU B 302 27.62 26.13 -9.90
C LEU B 302 28.08 27.42 -9.21
N ASN B 303 28.39 27.36 -7.91
CA ASN B 303 28.90 28.56 -7.26
C ASN B 303 30.31 28.92 -7.75
N ASN B 304 31.22 27.95 -7.96
CA ASN B 304 32.57 28.29 -8.43
C ASN B 304 32.46 29.04 -9.74
N ILE B 305 31.80 28.44 -10.73
CA ILE B 305 31.65 29.10 -12.02
C ILE B 305 31.08 30.49 -11.82
N PHE B 306 29.94 30.63 -11.13
CA PHE B 306 29.32 31.94 -10.97
C PHE B 306 30.33 33.01 -10.57
N HIS B 307 31.19 32.70 -9.60
CA HIS B 307 32.19 33.66 -9.13
C HIS B 307 33.19 33.99 -10.24
N HIS B 308 33.66 32.97 -10.96
CA HIS B 308 34.65 33.17 -12.01
C HIS B 308 34.09 34.10 -13.09
N LEU B 309 32.82 33.94 -13.43
CA LEU B 309 32.19 34.84 -14.38
C LEU B 309 32.17 36.27 -13.83
N ILE B 310 31.73 36.46 -12.59
CA ILE B 310 31.65 37.80 -12.00
C ILE B 310 33.02 38.45 -12.05
N TYR B 311 34.04 37.62 -11.89
CA TYR B 311 35.44 38.02 -12.02
C TYR B 311 35.76 38.47 -13.43
N VAL B 312 35.42 37.65 -14.42
CA VAL B 312 35.63 37.98 -15.83
C VAL B 312 34.91 39.28 -16.19
N LEU B 313 33.64 39.40 -15.79
CA LEU B 313 32.83 40.55 -16.15
C LEU B 313 33.43 41.85 -15.63
N GLN B 314 33.62 41.96 -14.31
CA GLN B 314 34.08 43.24 -13.76
C GLN B 314 35.38 43.71 -14.43
N MET B 315 36.24 42.78 -14.86
CA MET B 315 37.51 43.14 -15.48
C MET B 315 37.32 44.11 -16.64
N LYS B 316 36.41 43.78 -17.56
CA LYS B 316 36.14 44.64 -18.70
C LYS B 316 35.67 46.02 -18.23
N PHE B 317 34.59 46.05 -17.45
CA PHE B 317 34.06 47.28 -16.82
C PHE B 317 33.69 48.34 -17.86
#